data_2Q9R
#
_entry.id   2Q9R
#
_cell.length_a   68.570
_cell.length_b   77.140
_cell.length_c   87.170
_cell.angle_alpha   90.000
_cell.angle_beta   90.000
_cell.angle_gamma   90.000
#
_symmetry.space_group_name_H-M   'C 2 2 21'
#
loop_
_entity.id
_entity.type
_entity.pdbx_description
1 polymer 'Protein of unknown function'
2 non-polymer 'SULFATE ION'
3 non-polymer 'ACETATE ION'
4 non-polymer 'BENZOIC ACID'
5 non-polymer GLYCEROL
6 water water
#
_entity_poly.entity_id   1
_entity_poly.type   'polypeptide(L)'
_entity_poly.pdbx_seq_one_letter_code
;G(MSE)TKKTGFFKRLKALTLPQKQLFATALCQR(MSE)LPNYQLFSEVCEFGDPAVLSTALELLWQSLYDPKLKFNIDV
HLQRLEDNTPEPADFEAYGVYPA(MSE)DAVVAISTLLGAIQGKIEEDIVNISKLSSSTVANYIEAISDVDLVDEALDDF
VFAHEV(MSE)EEEKELQNSLLEIIEENPKITAELVKGLRKDIIETGVSNIGISVA
;
_entity_poly.pdbx_strand_id   A
#
# COMPACT_ATOMS: atom_id res chain seq x y z
N LYS A 5 12.27 -9.04 -21.26
CA LYS A 5 11.57 -7.84 -20.68
C LYS A 5 12.48 -7.07 -19.68
N THR A 6 12.19 -5.79 -19.51
CA THR A 6 12.82 -4.97 -18.47
C THR A 6 12.25 -5.40 -17.11
N GLY A 7 13.02 -5.20 -16.05
CA GLY A 7 12.68 -5.64 -14.71
C GLY A 7 11.57 -4.77 -14.12
N PHE A 8 10.81 -5.37 -13.24
CA PHE A 8 9.74 -4.67 -12.54
C PHE A 8 10.23 -3.35 -11.93
N PHE A 9 11.35 -3.34 -11.23
CA PHE A 9 11.76 -2.11 -10.54
C PHE A 9 12.35 -1.11 -11.47
N LYS A 10 13.00 -1.56 -12.54
CA LYS A 10 13.49 -0.58 -13.51
C LYS A 10 12.28 0.17 -14.11
N ARG A 11 11.15 -0.55 -14.27
CA ARG A 11 9.96 -0.02 -14.93
C ARG A 11 9.21 0.90 -13.99
N LEU A 12 9.19 0.50 -12.73
CA LEU A 12 8.59 1.31 -11.69
C LEU A 12 9.35 2.62 -11.53
N LYS A 13 10.68 2.53 -11.54
CA LYS A 13 11.51 3.73 -11.39
C LYS A 13 11.40 4.67 -12.61
N ALA A 14 11.16 4.08 -13.78
CA ALA A 14 10.97 4.84 -15.02
C ALA A 14 9.64 5.61 -15.09
N LEU A 15 8.70 5.32 -14.20
CA LEU A 15 7.49 6.13 -14.11
C LEU A 15 7.76 7.60 -13.78
N THR A 16 6.88 8.48 -14.26
CA THR A 16 6.89 9.88 -13.82
C THR A 16 6.38 9.94 -12.38
N LEU A 17 6.65 11.08 -11.72
CA LEU A 17 6.16 11.26 -10.34
C LEU A 17 4.66 10.98 -10.16
N PRO A 18 3.80 11.59 -11.01
CA PRO A 18 2.37 11.31 -10.90
C PRO A 18 2.00 9.84 -11.15
N GLN A 19 2.68 9.18 -12.10
CA GLN A 19 2.48 7.75 -12.35
C GLN A 19 2.82 6.92 -11.11
N LYS A 20 3.99 7.18 -10.52
CA LYS A 20 4.41 6.55 -9.25
C LYS A 20 3.41 6.76 -8.11
N GLN A 21 2.96 7.99 -7.98
CA GLN A 21 2.03 8.39 -6.93
C GLN A 21 0.72 7.65 -7.07
N LEU A 22 0.22 7.53 -8.30
CA LEU A 22 -0.97 6.71 -8.57
C LEU A 22 -0.79 5.24 -8.15
N PHE A 23 0.31 4.64 -8.63
CA PHE A 23 0.67 3.26 -8.29
C PHE A 23 0.64 3.02 -6.76
N ALA A 24 1.34 3.89 -6.04
CA ALA A 24 1.49 3.80 -4.57
C ALA A 24 0.17 4.09 -3.85
N THR A 25 -0.61 5.04 -4.34
CA THR A 25 -1.94 5.32 -3.76
C THR A 25 -2.83 4.09 -3.86
N ALA A 26 -2.88 3.48 -5.05
CA ALA A 26 -3.68 2.26 -5.28
C ALA A 26 -3.25 1.12 -4.31
N LEU A 27 -1.94 0.89 -4.18
CA LEU A 27 -1.44 -0.07 -3.19
C LEU A 27 -1.84 0.29 -1.75
N CYS A 28 -1.85 1.56 -1.38
CA CYS A 28 -2.16 1.91 0.00
C CYS A 28 -3.62 1.68 0.28
N GLN A 29 -4.47 1.99 -0.71
CA GLN A 29 -5.87 1.77 -0.58
C GLN A 29 -6.14 0.28 -0.33
N ARG A 30 -5.45 -0.58 -1.05
CA ARG A 30 -5.65 -2.01 -0.96
C ARG A 30 -5.35 -2.62 0.43
N LEU A 32 -6.05 -1.10 3.34
CA LEU A 32 -6.95 -0.61 4.37
C LEU A 32 -7.69 -1.69 5.22
N PRO A 33 -8.24 -2.72 4.58
CA PRO A 33 -8.92 -3.75 5.38
C PRO A 33 -8.10 -4.35 6.50
N ASN A 34 -6.79 -4.42 6.32
CA ASN A 34 -5.93 -4.92 7.34
C ASN A 34 -6.04 -4.05 8.60
N TYR A 35 -6.01 -2.74 8.43
CA TYR A 35 -6.10 -1.83 9.57
C TYR A 35 -7.49 -1.92 10.18
N GLN A 36 -8.49 -2.00 9.31
CA GLN A 36 -9.88 -2.05 9.77
C GLN A 36 -10.11 -3.30 10.62
N LEU A 37 -9.63 -4.43 10.16
CA LEU A 37 -9.86 -5.68 10.89
C LEU A 37 -9.14 -5.62 12.26
N PHE A 38 -7.87 -5.27 12.25
CA PHE A 38 -7.11 -5.16 13.47
C PHE A 38 -7.81 -4.24 14.50
N SER A 39 -8.26 -3.10 14.00
CA SER A 39 -8.80 -2.05 14.84
C SER A 39 -10.05 -2.54 15.55
N GLU A 40 -10.84 -3.30 14.81
CA GLU A 40 -12.07 -3.80 15.30
C GLU A 40 -11.82 -4.93 16.29
N VAL A 41 -10.93 -5.85 15.93
CA VAL A 41 -10.64 -6.98 16.77
C VAL A 41 -9.87 -6.61 18.02
N CYS A 42 -8.86 -5.77 17.88
CA CYS A 42 -8.01 -5.43 19.02
C CYS A 42 -8.43 -4.12 19.71
N GLU A 43 -9.52 -3.50 19.24
CA GLU A 43 -10.11 -2.30 19.85
C GLU A 43 -9.06 -1.20 19.96
N PHE A 44 -8.44 -0.91 18.82
CA PHE A 44 -7.42 0.11 18.72
C PHE A 44 -7.65 1.02 17.52
N GLY A 45 -7.51 2.32 17.73
CA GLY A 45 -7.34 3.28 16.64
C GLY A 45 -8.62 3.64 15.95
N ASP A 46 -8.50 4.48 14.95
CA ASP A 46 -9.65 4.95 14.21
C ASP A 46 -9.39 4.87 12.70
N PRO A 47 -9.96 3.85 12.03
CA PRO A 47 -9.75 3.67 10.58
C PRO A 47 -10.13 4.86 9.68
N ALA A 48 -11.03 5.72 10.16
CA ALA A 48 -11.45 6.90 9.41
C ALA A 48 -10.30 7.88 9.19
N VAL A 49 -9.30 7.85 10.07
CA VAL A 49 -8.12 8.69 9.89
C VAL A 49 -7.34 8.27 8.63
N LEU A 50 -7.25 6.96 8.42
CA LEU A 50 -6.61 6.40 7.23
C LEU A 50 -7.49 6.62 6.01
N SER A 51 -8.80 6.39 6.10
CA SER A 51 -9.65 6.58 4.92
CA SER A 51 -9.71 6.60 4.96
C SER A 51 -9.73 8.05 4.50
N THR A 52 -9.69 8.97 5.46
CA THR A 52 -9.65 10.40 5.16
C THR A 52 -8.37 10.77 4.43
N ALA A 53 -7.25 10.29 4.94
CA ALA A 53 -5.99 10.46 4.26
C ALA A 53 -6.04 9.88 2.84
N LEU A 54 -6.61 8.70 2.70
CA LEU A 54 -6.70 8.07 1.37
C LEU A 54 -7.51 8.90 0.37
N GLU A 55 -8.63 9.47 0.81
CA GLU A 55 -9.49 10.22 -0.03
C GLU A 55 -8.80 11.48 -0.52
N LEU A 56 -8.03 12.11 0.36
CA LEU A 56 -7.18 13.24 -0.01
C LEU A 56 -6.07 12.81 -0.97
N LEU A 57 -5.48 11.64 -0.79
CA LEU A 57 -4.49 11.15 -1.77
C LEU A 57 -5.14 10.92 -3.14
N TRP A 58 -6.33 10.34 -3.16
CA TRP A 58 -7.02 10.15 -4.44
C TRP A 58 -7.30 11.52 -5.08
N GLN A 59 -7.86 12.45 -4.30
CA GLN A 59 -8.18 13.78 -4.83
C GLN A 59 -6.94 14.50 -5.33
N SER A 60 -5.80 14.28 -4.68
CA SER A 60 -4.56 14.90 -5.14
C SER A 60 -4.21 14.51 -6.55
N LEU A 61 -4.62 13.30 -6.92
CA LEU A 61 -4.37 12.82 -8.28
C LEU A 61 -5.38 13.36 -9.30
N TYR A 62 -6.62 13.66 -8.87
CA TYR A 62 -7.65 14.26 -9.76
C TYR A 62 -7.51 15.77 -9.94
N ASP A 63 -7.16 16.45 -8.85
CA ASP A 63 -7.41 17.88 -8.71
C ASP A 63 -6.15 18.64 -8.35
N PRO A 64 -5.54 19.25 -9.37
CA PRO A 64 -4.31 20.03 -9.21
C PRO A 64 -4.51 21.25 -8.32
N LYS A 65 -5.75 21.78 -8.28
CA LYS A 65 -6.10 22.86 -7.33
C LYS A 65 -6.15 22.41 -5.85
N LEU A 66 -6.07 21.10 -5.57
CA LEU A 66 -6.17 20.62 -4.17
C LEU A 66 -4.98 20.98 -3.28
N LYS A 67 -5.28 21.58 -2.13
CA LYS A 67 -4.28 21.77 -1.07
C LYS A 67 -4.86 21.36 0.27
N PHE A 68 -4.02 20.83 1.14
CA PHE A 68 -4.44 20.48 2.49
C PHE A 68 -3.24 20.40 3.40
N ASN A 69 -3.49 20.37 4.70
CA ASN A 69 -2.45 20.26 5.70
C ASN A 69 -1.88 18.86 5.92
N ILE A 70 -0.80 18.55 5.23
CA ILE A 70 -0.20 17.23 5.31
C ILE A 70 0.29 16.86 6.72
N ASP A 71 0.98 17.77 7.39
CA ASP A 71 1.53 17.54 8.70
C ASP A 71 0.47 17.16 9.70
N VAL A 72 -0.71 17.77 9.63
CA VAL A 72 -1.74 17.41 10.60
CA VAL A 72 -1.81 17.44 10.53
C VAL A 72 -2.21 15.99 10.35
N HIS A 73 -2.36 15.59 9.11
CA HIS A 73 -2.65 14.18 8.81
C HIS A 73 -1.55 13.21 9.21
N LEU A 74 -0.29 13.60 8.98
CA LEU A 74 0.86 12.79 9.41
C LEU A 74 0.84 12.60 10.92
N GLN A 75 0.49 13.65 11.65
CA GLN A 75 0.41 13.53 13.10
C GLN A 75 -0.75 12.63 13.53
N ARG A 76 -1.90 12.77 12.89
CA ARG A 76 -3.03 11.88 13.21
C ARG A 76 -2.74 10.44 12.85
N LEU A 77 -2.09 10.25 11.71
CA LEU A 77 -1.66 8.91 11.33
C LEU A 77 -0.75 8.29 12.40
N GLU A 78 0.24 9.05 12.86
CA GLU A 78 1.15 8.52 13.85
CA GLU A 78 1.16 8.60 13.90
C GLU A 78 0.41 8.19 15.15
N ASP A 79 -0.52 9.05 15.58
CA ASP A 79 -1.33 8.80 16.78
C ASP A 79 -2.11 7.51 16.67
N ASN A 80 -2.44 7.13 15.45
CA ASN A 80 -3.18 5.89 15.21
C ASN A 80 -2.34 4.70 14.73
N THR A 81 -1.03 4.80 14.90
CA THR A 81 -0.14 3.73 14.51
C THR A 81 0.12 2.90 15.76
N PRO A 82 -0.25 1.62 15.75
CA PRO A 82 -0.03 0.83 16.97
C PRO A 82 1.44 0.39 17.21
N GLU A 83 1.71 0.04 18.45
CA GLU A 83 2.99 -0.47 18.89
C GLU A 83 2.87 -1.96 19.03
N PRO A 84 3.74 -2.72 18.35
CA PRO A 84 3.66 -4.17 18.46
C PRO A 84 3.86 -4.70 19.87
N ALA A 85 4.63 -4.00 20.70
CA ALA A 85 4.74 -4.40 22.11
C ALA A 85 3.39 -4.49 22.81
N ASP A 86 2.39 -3.77 22.30
CA ASP A 86 1.14 -3.65 23.04
C ASP A 86 0.10 -4.70 22.68
N PHE A 87 0.41 -5.53 21.68
CA PHE A 87 -0.55 -6.52 21.15
C PHE A 87 0.06 -7.88 20.95
N GLU A 88 -0.63 -8.93 21.39
CA GLU A 88 -0.23 -10.31 21.08
C GLU A 88 -0.71 -10.76 19.69
N ALA A 89 -1.82 -10.22 19.24
CA ALA A 89 -2.39 -10.57 17.94
C ALA A 89 -1.42 -10.20 16.81
N TYR A 90 -1.31 -11.07 15.81
CA TYR A 90 -0.44 -10.86 14.66
C TYR A 90 -0.84 -9.59 13.87
N GLY A 91 -2.15 -9.30 13.84
CA GLY A 91 -2.70 -8.19 13.05
C GLY A 91 -2.06 -6.84 13.28
N VAL A 92 -1.44 -6.65 14.44
CA VAL A 92 -0.72 -5.42 14.68
C VAL A 92 0.28 -5.14 13.55
N TYR A 93 0.89 -6.20 12.98
CA TYR A 93 1.89 -6.02 11.96
C TYR A 93 1.35 -5.51 10.64
N PRO A 94 0.38 -6.20 10.01
CA PRO A 94 -0.20 -5.57 8.83
C PRO A 94 -0.91 -4.22 9.04
N ALA A 95 -1.54 -4.03 10.20
CA ALA A 95 -2.17 -2.76 10.54
C ALA A 95 -1.14 -1.63 10.56
N ASP A 97 1.73 -1.59 9.09
CA ASP A 97 2.27 -1.44 7.74
C ASP A 97 1.34 -0.59 6.88
N ALA A 98 0.03 -0.78 7.06
CA ALA A 98 -1.00 -0.03 6.34
C ALA A 98 -0.93 1.45 6.64
N VAL A 99 -0.89 1.79 7.93
CA VAL A 99 -0.84 3.23 8.32
C VAL A 99 0.54 3.80 7.96
N VAL A 100 1.60 2.99 8.14
CA VAL A 100 2.95 3.49 7.87
C VAL A 100 3.17 3.76 6.34
N ALA A 101 2.59 2.92 5.50
CA ALA A 101 2.55 3.17 4.04
C ALA A 101 1.92 4.50 3.66
N ILE A 102 0.77 4.78 4.24
CA ILE A 102 0.07 6.02 3.96
C ILE A 102 0.92 7.18 4.45
N SER A 103 1.48 7.05 5.64
CA SER A 103 2.34 8.11 6.16
C SER A 103 3.55 8.34 5.26
N THR A 104 4.22 7.26 4.86
CA THR A 104 5.37 7.33 3.95
C THR A 104 4.99 8.00 2.61
N LEU A 105 3.86 7.62 2.04
CA LEU A 105 3.43 8.25 0.77
C LEU A 105 3.11 9.75 0.90
N LEU A 106 2.36 10.12 1.93
CA LEU A 106 2.09 11.53 2.18
C LEU A 106 3.41 12.27 2.42
N GLY A 107 4.32 11.66 3.17
CA GLY A 107 5.61 12.30 3.41
C GLY A 107 6.45 12.46 2.15
N ALA A 108 6.36 11.48 1.26
CA ALA A 108 7.09 11.49 -0.01
C ALA A 108 6.56 12.55 -0.97
N ILE A 109 5.22 12.68 -1.02
CA ILE A 109 4.52 13.71 -1.78
C ILE A 109 4.94 15.10 -1.32
N GLN A 110 5.05 15.26 -0.01
CA GLN A 110 5.42 16.53 0.58
C GLN A 110 6.85 16.91 0.19
N GLY A 111 7.76 15.93 0.21
CA GLY A 111 9.16 16.14 -0.12
C GLY A 111 9.57 15.84 -1.55
N LYS A 112 8.61 15.52 -2.41
CA LYS A 112 8.86 15.02 -3.77
C LYS A 112 9.99 13.98 -3.76
N ILE A 113 9.88 12.97 -2.88
CA ILE A 113 10.89 11.94 -2.74
C ILE A 113 10.44 10.70 -3.52
N GLU A 114 10.82 10.61 -4.78
CA GLU A 114 10.36 9.51 -5.63
C GLU A 114 10.73 8.13 -5.11
N GLU A 115 11.93 8.01 -4.50
CA GLU A 115 12.38 6.72 -3.93
C GLU A 115 11.36 6.14 -2.97
N ASP A 116 10.88 6.98 -2.04
CA ASP A 116 9.95 6.50 -1.03
C ASP A 116 8.62 6.03 -1.60
N ILE A 117 8.21 6.68 -2.69
CA ILE A 117 6.98 6.34 -3.37
C ILE A 117 7.15 4.97 -4.00
N VAL A 118 8.25 4.78 -4.72
CA VAL A 118 8.59 3.51 -5.35
C VAL A 118 8.63 2.42 -4.27
N ASN A 119 9.25 2.69 -3.11
CA ASN A 119 9.36 1.68 -2.04
C ASN A 119 8.07 1.25 -1.36
N ILE A 120 6.95 1.92 -1.65
CA ILE A 120 5.66 1.43 -1.21
C ILE A 120 5.43 0.07 -1.83
N SER A 121 6.06 -0.19 -2.99
CA SER A 121 5.98 -1.56 -3.60
C SER A 121 6.51 -2.67 -2.67
N LYS A 122 7.69 -2.44 -2.14
CA LYS A 122 8.34 -3.35 -1.20
C LYS A 122 7.58 -3.49 0.11
N LEU A 123 7.00 -2.40 0.58
CA LEU A 123 6.25 -2.45 1.81
C LEU A 123 5.09 -3.41 1.62
N SER A 124 4.41 -3.27 0.49
CA SER A 124 3.24 -4.11 0.20
C SER A 124 3.63 -5.54 0.10
N SER A 125 4.70 -5.85 -0.64
CA SER A 125 5.10 -7.21 -0.81
C SER A 125 5.68 -7.81 0.47
N SER A 126 6.37 -7.02 1.27
CA SER A 126 6.91 -7.55 2.51
C SER A 126 5.83 -7.96 3.49
N THR A 127 4.74 -7.19 3.53
CA THR A 127 3.62 -7.54 4.39
C THR A 127 3.17 -8.95 4.08
N VAL A 128 3.07 -9.23 2.80
CA VAL A 128 2.64 -10.58 2.34
C VAL A 128 3.67 -11.68 2.68
N ALA A 129 4.94 -11.43 2.42
CA ALA A 129 5.97 -12.42 2.82
C ALA A 129 5.99 -12.66 4.31
N ASN A 130 5.78 -11.61 5.13
CA ASN A 130 5.89 -11.73 6.59
C ASN A 130 4.74 -12.55 7.12
N TYR A 131 3.58 -12.37 6.52
CA TYR A 131 2.38 -13.15 6.81
C TYR A 131 2.64 -14.62 6.56
N ILE A 132 3.15 -14.95 5.37
CA ILE A 132 3.49 -16.34 5.00
C ILE A 132 4.57 -16.89 5.91
N GLU A 133 5.60 -16.08 6.15
CA GLU A 133 6.76 -16.53 6.94
C GLU A 133 6.44 -16.64 8.45
N ALA A 134 5.47 -15.86 8.92
CA ALA A 134 5.04 -15.88 10.32
C ALA A 134 4.65 -17.27 10.79
N ILE A 135 3.89 -17.94 9.94
CA ILE A 135 3.32 -19.24 10.27
C ILE A 135 4.34 -20.35 9.97
N SER A 136 4.95 -20.27 8.79
CA SER A 136 5.77 -21.34 8.24
C SER A 136 6.83 -21.95 9.14
N ASP A 137 7.63 -21.07 9.73
CA ASP A 137 8.72 -21.49 10.62
C ASP A 137 9.64 -22.48 9.92
N VAL A 138 10.06 -22.12 8.71
CA VAL A 138 11.02 -22.92 7.95
C VAL A 138 12.42 -22.34 8.05
N ASP A 139 13.40 -23.21 7.80
CA ASP A 139 14.80 -22.83 7.89
C ASP A 139 15.40 -22.30 6.59
N LEU A 140 14.59 -22.19 5.53
CA LEU A 140 15.05 -21.84 4.18
C LEU A 140 15.59 -20.44 4.10
N VAL A 141 16.52 -20.21 3.18
CA VAL A 141 17.06 -18.88 2.94
C VAL A 141 17.20 -18.61 1.45
N ASP A 142 17.41 -17.34 1.12
CA ASP A 142 17.81 -16.95 -0.22
C ASP A 142 16.77 -17.47 -1.22
N GLU A 143 17.21 -18.11 -2.31
CA GLU A 143 16.32 -18.40 -3.43
C GLU A 143 15.31 -19.46 -3.01
N ALA A 144 15.73 -20.40 -2.18
CA ALA A 144 14.88 -21.48 -1.75
C ALA A 144 13.69 -20.90 -0.96
N LEU A 145 13.97 -19.94 -0.07
CA LEU A 145 12.91 -19.26 0.68
C LEU A 145 11.97 -18.52 -0.27
N ASP A 146 12.54 -17.85 -1.26
CA ASP A 146 11.77 -17.09 -2.23
CA ASP A 146 11.75 -17.08 -2.21
C ASP A 146 10.79 -18.02 -2.96
N ASP A 147 11.29 -19.15 -3.45
CA ASP A 147 10.42 -20.12 -4.10
C ASP A 147 9.31 -20.64 -3.18
N PHE A 148 9.69 -20.90 -1.93
CA PHE A 148 8.72 -21.35 -0.94
C PHE A 148 7.63 -20.31 -0.70
N VAL A 149 8.04 -19.06 -0.56
CA VAL A 149 7.05 -17.99 -0.40
C VAL A 149 6.11 -17.91 -1.63
N PHE A 150 6.67 -18.01 -2.83
CA PHE A 150 5.83 -17.88 -4.03
C PHE A 150 4.97 -19.09 -4.32
N ALA A 151 5.15 -20.19 -3.56
CA ALA A 151 4.26 -21.34 -3.69
C ALA A 151 2.92 -21.05 -3.04
N HIS A 152 2.80 -19.88 -2.39
CA HIS A 152 1.58 -19.52 -1.69
C HIS A 152 0.78 -18.57 -2.56
N GLU A 153 -0.48 -18.88 -2.81
CA GLU A 153 -1.28 -18.11 -3.77
C GLU A 153 -1.35 -16.60 -3.46
N VAL A 154 -1.42 -16.25 -2.19
CA VAL A 154 -1.47 -14.84 -1.82
C VAL A 154 -0.23 -14.07 -2.34
N GLU A 156 1.62 -14.93 -5.04
CA GLU A 156 1.51 -14.92 -6.49
C GLU A 156 0.52 -13.84 -6.90
N GLU A 157 -0.54 -13.68 -6.14
CA GLU A 157 -1.54 -12.63 -6.36
C GLU A 157 -0.97 -11.24 -6.17
N GLU A 158 -0.18 -11.08 -5.11
CA GLU A 158 0.54 -9.83 -4.92
C GLU A 158 1.38 -9.46 -6.13
N LYS A 159 2.20 -10.39 -6.59
CA LYS A 159 3.00 -10.17 -7.81
C LYS A 159 2.18 -9.82 -9.03
N GLU A 160 1.09 -10.57 -9.24
CA GLU A 160 0.20 -10.35 -10.38
C GLU A 160 -0.53 -9.00 -10.30
N LEU A 161 -1.05 -8.65 -9.13
CA LEU A 161 -1.70 -7.36 -8.97
C LEU A 161 -0.70 -6.20 -9.16
N GLN A 162 0.47 -6.25 -8.53
CA GLN A 162 1.45 -5.17 -8.73
C GLN A 162 1.89 -5.04 -10.20
N ASN A 163 2.05 -6.17 -10.90
CA ASN A 163 2.40 -6.10 -12.32
C ASN A 163 1.30 -5.52 -13.19
N SER A 164 0.09 -5.99 -12.97
CA SER A 164 -1.07 -5.51 -13.72
CA SER A 164 -1.09 -5.52 -13.70
C SER A 164 -1.33 -4.03 -13.48
N LEU A 165 -1.17 -3.59 -12.25
CA LEU A 165 -1.28 -2.18 -11.91
C LEU A 165 -0.19 -1.38 -12.64
N LEU A 166 1.03 -1.90 -12.67
CA LEU A 166 2.12 -1.17 -13.32
C LEU A 166 1.86 -1.04 -14.83
N GLU A 167 1.42 -2.14 -15.43
CA GLU A 167 1.12 -2.18 -16.86
C GLU A 167 0.08 -1.20 -17.30
N ILE A 168 -1.01 -1.06 -16.54
CA ILE A 168 -2.04 -0.12 -16.94
CA ILE A 168 -2.08 -0.12 -16.86
C ILE A 168 -1.55 1.33 -16.80
N ILE A 169 -0.78 1.62 -15.76
CA ILE A 169 -0.24 2.97 -15.61
C ILE A 169 0.79 3.29 -16.66
N GLU A 170 1.66 2.33 -16.96
CA GLU A 170 2.76 2.62 -17.84
C GLU A 170 2.37 2.76 -19.31
N GLU A 171 1.24 2.19 -19.70
CA GLU A 171 0.78 2.33 -21.06
C GLU A 171 0.11 3.68 -21.34
N ASN A 172 0.05 4.52 -20.30
CA ASN A 172 -0.54 5.83 -20.38
C ASN A 172 0.55 6.86 -20.05
N PRO A 173 0.95 7.68 -21.02
CA PRO A 173 2.07 8.58 -20.78
C PRO A 173 1.83 9.55 -19.61
N LYS A 174 0.58 9.97 -19.41
CA LYS A 174 0.18 10.76 -18.25
C LYS A 174 -1.01 10.10 -17.56
N ILE A 175 -1.16 10.39 -16.27
CA ILE A 175 -2.35 9.89 -15.55
C ILE A 175 -3.56 10.73 -15.96
N THR A 176 -4.73 10.09 -16.05
CA THR A 176 -5.96 10.75 -16.49
C THR A 176 -7.00 10.57 -15.39
N ALA A 177 -8.02 11.42 -15.36
CA ALA A 177 -9.09 11.30 -14.36
C ALA A 177 -9.78 9.94 -14.41
N GLU A 178 -9.97 9.44 -15.63
CA GLU A 178 -10.64 8.18 -15.85
C GLU A 178 -9.81 7.04 -15.31
N LEU A 179 -8.50 7.14 -15.46
CA LEU A 179 -7.58 6.12 -15.00
C LEU A 179 -7.61 6.08 -13.48
N VAL A 180 -7.46 7.24 -12.85
CA VAL A 180 -7.46 7.32 -11.38
C VAL A 180 -8.77 6.77 -10.82
N LYS A 181 -9.89 7.27 -11.35
CA LYS A 181 -11.21 6.80 -10.91
C LYS A 181 -11.38 5.32 -11.06
N GLY A 182 -10.95 4.77 -12.19
CA GLY A 182 -11.17 3.36 -12.47
C GLY A 182 -10.37 2.46 -11.57
N LEU A 183 -9.12 2.84 -11.31
CA LEU A 183 -8.30 2.06 -10.42
C LEU A 183 -8.86 2.10 -8.99
N ARG A 184 -9.26 3.27 -8.54
CA ARG A 184 -9.81 3.40 -7.20
C ARG A 184 -11.05 2.56 -7.04
N LYS A 185 -11.95 2.67 -8.01
CA LYS A 185 -13.21 1.91 -8.00
C LYS A 185 -12.94 0.41 -8.03
N ASP A 186 -12.03 -0.03 -8.88
CA ASP A 186 -11.65 -1.45 -8.92
C ASP A 186 -11.17 -1.96 -7.55
N ILE A 187 -10.26 -1.22 -6.91
CA ILE A 187 -9.62 -1.66 -5.65
C ILE A 187 -10.70 -1.71 -4.56
N ILE A 188 -11.50 -0.66 -4.48
CA ILE A 188 -12.53 -0.52 -3.45
C ILE A 188 -13.65 -1.51 -3.62
N GLU A 189 -14.02 -1.82 -4.86
CA GLU A 189 -15.05 -2.82 -5.11
C GLU A 189 -14.58 -4.25 -4.83
N THR A 190 -13.33 -4.58 -5.17
CA THR A 190 -12.79 -5.85 -4.71
C THR A 190 -12.79 -5.92 -3.18
N GLY A 191 -12.27 -4.90 -2.51
CA GLY A 191 -12.21 -4.86 -1.03
C GLY A 191 -11.52 -6.06 -0.39
N VAL A 192 -10.46 -6.56 -1.05
CA VAL A 192 -9.62 -7.62 -0.48
C VAL A 192 -8.18 -7.07 -0.37
N SER A 193 -7.55 -7.22 0.82
CA SER A 193 -6.23 -6.66 1.08
C SER A 193 -5.16 -7.50 0.43
N ASN A 194 -3.93 -7.05 0.56
CA ASN A 194 -2.75 -7.79 0.04
C ASN A 194 -2.51 -9.06 0.73
N ILE A 195 -3.13 -9.24 1.90
CA ILE A 195 -3.04 -10.53 2.61
C ILE A 195 -4.41 -11.22 2.74
N GLY A 196 -5.35 -10.81 1.88
CA GLY A 196 -6.61 -11.51 1.71
C GLY A 196 -7.73 -11.12 2.67
N ILE A 197 -7.56 -10.01 3.37
CA ILE A 197 -8.55 -9.54 4.33
C ILE A 197 -9.66 -8.74 3.68
N SER A 198 -10.87 -9.10 4.07
CA SER A 198 -12.05 -8.35 3.67
C SER A 198 -12.88 -8.02 4.94
N VAL A 199 -13.30 -6.78 5.10
CA VAL A 199 -14.18 -6.44 6.25
C VAL A 199 -15.61 -6.17 5.76
N ALA A 200 -15.78 -6.03 4.46
#